data_4ALV
#
_entry.id   4ALV
#
_cell.length_a   96.872
_cell.length_b   96.872
_cell.length_c   80.844
_cell.angle_alpha   90.00
_cell.angle_beta   90.00
_cell.angle_gamma   120.00
#
_symmetry.space_group_name_H-M   'P 65'
#
loop_
_entity.id
_entity.type
_entity.pdbx_description
1 polymer 'SERINE/THREONINE-PROTEIN KINASE PIM-1'
2 non-polymer IMIDAZOLE
3 non-polymer 8-bromo-2-{2-chloro-4-[(piperidin-4-ylmethyl)amino]phenyl}[1]benzofuro[3,2-d]pyrimidin-4(3H)-one
4 water water
#
_entity_poly.entity_id   1
_entity_poly.type   'polypeptide(L)'
_entity_poly.pdbx_seq_one_letter_code
;MHHHHHHGENLYFQGSLLSKINSLAHLRAAPCNDLHATKLAPGKEKEPLESQYQVGPLLGSGGFGSVYSGIRVSDNLPVA
IKHVEKDRISDWGELPNGTRVPMEVVLLKKVSSGFSGVIRLLDWFERPDSFVLILERPEPVQDLFDFITERGALQEELAR
SFFWQVLEAVRHCHNCGVLHRDIKDENILIDLNRGELKLIDFGSGALLKDTVYTDFDGTRVYSPPEWIRYHRYHGRSAAV
WSLGILLYDMVCGDIPFEHDEEIIRGQVFFRQRVSSECQHLIRWCLALRPSDRPTFEEIQNHPWMQDVLLPQETAEIHLH
SLSPGPSK
;
_entity_poly.pdbx_strand_id   A
#
loop_
_chem_comp.id
_chem_comp.type
_chem_comp.name
_chem_comp.formula
IMD non-polymer IMIDAZOLE 'C3 H5 N2 1'
R9P non-polymer 8-bromo-2-{2-chloro-4-[(piperidin-4-ylmethyl)amino]phenyl}[1]benzofuro[3,2-d]pyrimidin-4(3H)-one 'C22 H20 Br Cl N4 O2'
#
# COMPACT_ATOMS: atom_id res chain seq x y z
N PRO A 48 18.37 -12.62 -21.25
CA PRO A 48 18.97 -11.36 -20.83
C PRO A 48 18.40 -10.13 -21.51
N LEU A 49 18.11 -9.13 -20.68
CA LEU A 49 17.94 -7.79 -21.16
C LEU A 49 16.57 -7.42 -21.69
N GLU A 50 16.38 -6.13 -21.91
CA GLU A 50 15.18 -5.59 -22.50
C GLU A 50 15.26 -5.80 -23.99
N SER A 51 14.16 -6.27 -24.52
CA SER A 51 14.12 -6.84 -25.82
C SER A 51 13.54 -8.17 -25.48
N GLN A 52 13.41 -8.41 -24.17
CA GLN A 52 12.56 -9.44 -23.63
C GLN A 52 11.25 -8.77 -23.43
N TYR A 53 11.32 -7.51 -23.08
CA TYR A 53 10.14 -6.76 -22.76
C TYR A 53 10.13 -5.61 -23.70
N GLN A 54 9.01 -4.93 -23.77
CA GLN A 54 8.77 -3.88 -24.74
C GLN A 54 8.22 -2.57 -24.17
N VAL A 55 9.11 -1.63 -23.88
CA VAL A 55 8.74 -0.49 -23.06
C VAL A 55 7.66 0.34 -23.72
N GLY A 56 6.77 0.92 -22.91
CA GLY A 56 5.63 1.74 -23.37
C GLY A 56 5.54 3.03 -22.58
N PRO A 57 4.33 3.57 -22.39
CA PRO A 57 4.24 4.91 -21.74
C PRO A 57 4.79 4.92 -20.32
N LEU A 58 5.38 6.03 -19.91
CA LEU A 58 5.79 6.19 -18.53
C LEU A 58 4.54 6.22 -17.68
N LEU A 59 4.51 5.53 -16.56
CA LEU A 59 3.33 5.57 -15.72
C LEU A 59 3.46 6.57 -14.64
N GLY A 60 4.65 6.90 -14.20
CA GLY A 60 4.75 7.84 -13.09
C GLY A 60 6.11 7.74 -12.49
N SER A 61 6.44 8.70 -11.65
CA SER A 61 7.77 8.73 -11.11
C SER A 61 7.80 9.48 -9.81
N GLY A 62 8.99 9.64 -9.23
CA GLY A 62 9.17 10.42 -7.99
C GLY A 62 10.37 9.99 -7.18
N GLY A 63 10.24 10.10 -5.86
CA GLY A 63 11.21 9.52 -4.87
C GLY A 63 11.30 7.99 -4.94
N PHE A 64 10.28 7.38 -5.54
CA PHE A 64 10.27 5.93 -5.87
C PHE A 64 11.10 5.56 -7.08
N GLY A 65 11.23 6.45 -8.06
CA GLY A 65 11.89 6.11 -9.32
C GLY A 65 10.92 6.30 -10.44
N SER A 66 10.88 5.36 -11.39
CA SER A 66 10.11 5.59 -12.62
C SER A 66 9.54 4.32 -13.10
N VAL A 67 8.26 4.32 -13.43
CA VAL A 67 7.58 3.08 -13.81
C VAL A 67 6.88 3.16 -15.16
N TYR A 68 7.02 2.11 -15.97
CA TYR A 68 6.54 2.15 -17.35
C TYR A 68 5.72 0.94 -17.69
N SER A 69 4.72 1.15 -18.52
CA SER A 69 3.91 0.07 -19.06
C SER A 69 4.80 -0.71 -19.98
N GLY A 70 4.59 -2.00 -20.06
CA GLY A 70 5.46 -2.83 -20.88
C GLY A 70 4.84 -4.17 -21.16
N ILE A 71 5.34 -4.85 -22.19
CA ILE A 71 4.79 -6.14 -22.55
C ILE A 71 5.92 -7.10 -22.56
N ARG A 72 5.68 -8.33 -22.16
CA ARG A 72 6.68 -9.38 -22.27
C ARG A 72 6.56 -9.87 -23.70
N VAL A 73 7.65 -9.75 -24.50
CA VAL A 73 7.55 -9.86 -25.97
C VAL A 73 7.14 -11.29 -26.29
N SER A 74 7.72 -12.21 -25.53
CA SER A 74 7.47 -13.62 -25.68
C SER A 74 5.96 -13.97 -25.60
N ASP A 75 5.32 -13.76 -24.46
CA ASP A 75 3.91 -14.14 -24.32
C ASP A 75 2.98 -12.94 -24.16
N ASN A 76 3.50 -11.75 -24.42
CA ASN A 76 2.67 -10.51 -24.38
C ASN A 76 2.03 -10.19 -23.03
N LEU A 77 2.60 -10.71 -21.94
CA LEU A 77 2.07 -10.41 -20.62
C LEU A 77 2.20 -8.94 -20.38
N PRO A 78 1.14 -8.32 -19.91
CA PRO A 78 1.31 -6.96 -19.38
C PRO A 78 2.26 -6.95 -18.18
N VAL A 79 3.23 -6.05 -18.16
CA VAL A 79 4.13 -5.92 -17.02
C VAL A 79 4.37 -4.47 -16.73
N ALA A 80 5.06 -4.20 -15.62
CA ALA A 80 5.50 -2.84 -15.30
C ALA A 80 6.99 -2.91 -15.11
N ILE A 81 7.68 -1.90 -15.60
CA ILE A 81 9.13 -1.89 -15.61
C ILE A 81 9.46 -0.74 -14.72
N LYS A 82 10.07 -1.00 -13.57
CA LYS A 82 10.30 0.03 -12.61
C LYS A 82 11.79 0.25 -12.49
N HIS A 83 12.26 1.45 -12.75
CA HIS A 83 13.70 1.69 -12.72
C HIS A 83 14.02 2.40 -11.45
N VAL A 84 15.08 1.93 -10.79
CA VAL A 84 15.55 2.53 -9.56
C VAL A 84 17.04 2.76 -9.64
N GLU A 85 17.41 4.04 -9.43
CA GLU A 85 18.78 4.51 -9.43
C GLU A 85 19.46 4.12 -8.12
N LYS A 86 20.67 3.60 -8.27
CA LYS A 86 21.46 3.13 -7.13
C LYS A 86 21.83 4.22 -6.13
N ASP A 87 22.05 5.42 -6.63
CA ASP A 87 22.45 6.53 -5.77
C ASP A 87 21.31 6.90 -4.85
N ARG A 88 20.08 6.81 -5.34
CA ARG A 88 18.90 7.15 -4.52
C ARG A 88 18.46 6.04 -3.56
N ILE A 89 18.89 4.81 -3.79
CA ILE A 89 18.56 3.74 -2.86
C ILE A 89 19.36 4.04 -1.61
N SER A 90 18.79 3.67 -0.48
CA SER A 90 19.30 4.03 0.84
C SER A 90 19.29 2.84 1.81
N ASP A 91 18.34 1.94 1.58
CA ASP A 91 18.11 0.77 2.41
C ASP A 91 18.33 -0.45 1.51
N TRP A 92 19.48 -1.08 1.66
CA TRP A 92 19.83 -2.28 0.89
C TRP A 92 19.71 -3.50 1.79
N GLY A 93 19.68 -4.68 1.18
CA GLY A 93 19.63 -5.92 1.95
C GLY A 93 20.27 -6.98 1.10
N GLU A 94 20.18 -8.26 1.49
CA GLU A 94 20.72 -9.28 0.61
C GLU A 94 19.91 -10.56 0.51
N LEU A 95 19.98 -11.18 -0.65
CA LEU A 95 19.09 -12.27 -0.98
C LEU A 95 19.48 -13.51 -0.19
N PRO A 96 18.56 -14.51 -0.13
CA PRO A 96 18.96 -15.87 0.27
C PRO A 96 20.34 -16.25 -0.31
N ASN A 97 20.47 -16.28 -1.65
CA ASN A 97 21.76 -16.68 -2.27
C ASN A 97 22.95 -15.73 -1.95
N GLY A 98 22.72 -14.71 -1.11
CA GLY A 98 23.80 -13.85 -0.64
C GLY A 98 24.37 -12.94 -1.73
N THR A 99 23.67 -11.85 -2.02
CA THR A 99 24.12 -10.76 -2.95
C THR A 99 23.52 -9.42 -2.49
N ARG A 100 24.12 -8.31 -2.90
CA ARG A 100 23.66 -6.98 -2.49
C ARG A 100 22.43 -6.58 -3.34
N VAL A 101 21.30 -6.20 -2.73
CA VAL A 101 20.16 -5.69 -3.53
C VAL A 101 19.40 -4.61 -2.77
N PRO A 102 18.59 -3.79 -3.49
CA PRO A 102 17.68 -2.92 -2.79
C PRO A 102 16.75 -3.73 -1.88
N MET A 103 16.44 -3.17 -0.73
CA MET A 103 15.50 -3.81 0.17
C MET A 103 14.21 -4.12 -0.59
N GLU A 104 13.77 -3.15 -1.35
CA GLU A 104 12.56 -3.27 -2.14
C GLU A 104 12.48 -4.67 -2.69
N VAL A 105 13.59 -5.13 -3.30
CA VAL A 105 13.62 -6.43 -3.99
C VAL A 105 13.50 -7.61 -3.05
N VAL A 106 14.27 -7.57 -1.94
CA VAL A 106 14.13 -8.55 -0.86
C VAL A 106 12.66 -8.72 -0.40
N LEU A 107 12.06 -7.58 -0.09
CA LEU A 107 10.70 -7.51 0.41
C LEU A 107 9.77 -8.10 -0.66
N LEU A 108 9.94 -7.71 -1.92
CA LEU A 108 9.06 -8.24 -2.96
C LEU A 108 9.16 -9.77 -3.12
N LYS A 109 10.38 -10.30 -3.00
CA LYS A 109 10.58 -11.73 -3.15
C LYS A 109 9.97 -12.42 -1.98
N LYS A 110 10.08 -11.82 -0.80
CA LYS A 110 9.52 -12.40 0.42
C LYS A 110 8.00 -12.55 0.36
N VAL A 111 7.35 -11.64 -0.34
CA VAL A 111 5.91 -11.62 -0.35
C VAL A 111 5.33 -12.10 -1.63
N SER A 112 6.15 -12.47 -2.60
CA SER A 112 5.61 -12.92 -3.88
C SER A 112 4.84 -14.25 -3.68
N SER A 113 3.75 -14.42 -4.40
CA SER A 113 3.04 -15.71 -4.39
C SER A 113 1.72 -15.62 -5.18
N GLY A 114 0.97 -16.73 -5.14
CA GLY A 114 -0.40 -16.78 -5.71
C GLY A 114 -1.24 -15.61 -5.22
N PHE A 115 -1.10 -15.30 -3.94
CA PHE A 115 -1.94 -14.33 -3.32
C PHE A 115 -1.92 -13.06 -4.13
N SER A 116 -3.09 -12.64 -4.59
CA SER A 116 -3.16 -11.55 -5.53
C SER A 116 -3.45 -10.19 -4.87
N GLY A 117 -3.29 -10.11 -3.54
CA GLY A 117 -3.48 -8.84 -2.81
C GLY A 117 -2.24 -7.97 -2.87
N VAL A 118 -1.12 -8.55 -3.27
CA VAL A 118 0.16 -7.83 -3.33
C VAL A 118 0.77 -7.99 -4.74
N ILE A 119 1.31 -6.92 -5.31
CA ILE A 119 1.88 -7.03 -6.64
C ILE A 119 2.94 -8.14 -6.71
N ARG A 120 2.98 -8.84 -7.83
CA ARG A 120 4.00 -9.84 -8.03
C ARG A 120 5.28 -9.28 -8.66
N LEU A 121 6.43 -9.72 -8.16
CA LEU A 121 7.70 -9.49 -8.83
C LEU A 121 7.99 -10.65 -9.77
N LEU A 122 8.20 -10.33 -11.04
CA LEU A 122 8.34 -11.36 -12.05
C LEU A 122 9.80 -11.64 -12.33
N ASP A 123 10.62 -10.59 -12.36
CA ASP A 123 12.07 -10.73 -12.57
C ASP A 123 12.67 -9.39 -12.27
N TRP A 124 13.99 -9.32 -12.21
CA TRP A 124 14.66 -8.04 -12.06
C TRP A 124 16.07 -8.14 -12.59
N PHE A 125 16.67 -6.98 -12.87
CA PHE A 125 18.01 -6.90 -13.47
C PHE A 125 18.85 -5.82 -12.84
N GLU A 126 20.15 -6.01 -12.80
CA GLU A 126 21.06 -4.98 -12.29
C GLU A 126 21.72 -4.21 -13.44
N ARG A 127 21.90 -2.90 -13.24
CA ARG A 127 22.62 -2.10 -14.19
C ARG A 127 23.74 -1.26 -13.55
N PRO A 128 24.71 -0.87 -14.39
CA PRO A 128 25.68 0.14 -14.01
C PRO A 128 25.21 1.07 -12.89
N ASP A 129 24.19 1.88 -13.13
CA ASP A 129 23.77 2.83 -12.09
C ASP A 129 22.31 2.74 -11.62
N SER A 130 21.65 1.66 -12.01
CA SER A 130 20.26 1.44 -11.67
C SER A 130 19.91 -0.05 -11.48
N PHE A 131 18.76 -0.29 -10.86
CA PHE A 131 18.10 -1.60 -10.94
C PHE A 131 16.81 -1.54 -11.74
N VAL A 132 16.30 -2.68 -12.20
CA VAL A 132 15.05 -2.73 -12.93
C VAL A 132 14.18 -3.91 -12.45
N LEU A 133 12.92 -3.65 -12.13
CA LEU A 133 12.09 -4.68 -11.52
C LEU A 133 10.98 -4.93 -12.48
N ILE A 134 10.63 -6.17 -12.75
CA ILE A 134 9.53 -6.38 -13.66
C ILE A 134 8.36 -6.89 -12.84
N LEU A 135 7.28 -6.15 -12.85
CA LEU A 135 6.18 -6.43 -11.97
C LEU A 135 4.99 -6.76 -12.80
N GLU A 136 4.09 -7.54 -12.23
CA GLU A 136 2.84 -7.77 -12.95
C GLU A 136 2.09 -6.48 -13.13
N ARG A 137 1.45 -6.33 -14.28
CA ARG A 137 0.48 -5.27 -14.48
C ARG A 137 -0.87 -5.91 -14.74
N PRO A 138 -1.89 -5.51 -13.97
CA PRO A 138 -3.28 -5.71 -14.36
C PRO A 138 -3.72 -4.65 -15.36
N GLU A 139 -4.68 -5.02 -16.18
CA GLU A 139 -5.13 -4.17 -17.28
C GLU A 139 -6.60 -4.52 -17.46
N PRO A 140 -7.51 -3.54 -17.33
CA PRO A 140 -7.41 -2.12 -16.94
C PRO A 140 -7.23 -1.95 -15.46
N VAL A 141 -6.62 -0.84 -15.07
CA VAL A 141 -6.18 -0.58 -13.70
C VAL A 141 -6.24 0.90 -13.36
N GLN A 142 -6.56 1.21 -12.11
CA GLN A 142 -6.55 2.61 -11.68
C GLN A 142 -6.16 2.63 -10.21
N ASP A 143 -5.35 3.58 -9.79
CA ASP A 143 -5.02 3.57 -8.37
C ASP A 143 -6.09 4.30 -7.53
N LEU A 144 -6.15 3.96 -6.25
CA LEU A 144 -7.19 4.41 -5.38
C LEU A 144 -7.31 5.91 -5.34
N PHE A 145 -6.18 6.56 -5.28
CA PHE A 145 -6.13 7.99 -5.30
C PHE A 145 -6.89 8.57 -6.49
N ASP A 146 -6.54 8.11 -7.68
CA ASP A 146 -7.22 8.56 -8.89
C ASP A 146 -8.72 8.23 -8.89
N PHE A 147 -9.02 7.00 -8.52
CA PHE A 147 -10.37 6.62 -8.27
C PHE A 147 -11.08 7.56 -7.29
N ILE A 148 -10.39 8.05 -6.26
CA ILE A 148 -11.07 8.90 -5.26
C ILE A 148 -11.25 10.36 -5.68
N THR A 149 -10.28 10.83 -6.45
CA THR A 149 -10.35 12.15 -7.06
C THR A 149 -11.51 12.25 -8.02
N GLU A 150 -11.68 11.18 -8.76
CA GLU A 150 -12.67 11.04 -9.81
C GLU A 150 -14.06 10.89 -9.22
N ARG A 151 -14.19 10.14 -8.13
CA ARG A 151 -15.52 9.74 -7.64
C ARG A 151 -15.88 10.24 -6.26
N GLY A 152 -15.02 11.01 -5.63
CA GLY A 152 -15.28 11.49 -4.26
C GLY A 152 -15.32 10.46 -3.13
N ALA A 153 -15.74 10.93 -1.96
CA ALA A 153 -16.01 10.07 -0.82
C ALA A 153 -16.75 8.82 -1.25
N LEU A 154 -16.14 7.66 -1.04
CA LEU A 154 -16.73 6.40 -1.43
C LEU A 154 -17.93 5.99 -0.57
N GLN A 155 -18.88 5.27 -1.18
CA GLN A 155 -19.96 4.67 -0.41
C GLN A 155 -19.36 3.65 0.49
N GLU A 156 -19.95 3.50 1.66
CA GLU A 156 -19.36 2.66 2.70
C GLU A 156 -19.22 1.20 2.35
N GLU A 157 -20.19 0.69 1.59
CA GLU A 157 -20.13 -0.69 1.12
C GLU A 157 -18.86 -0.92 0.33
N LEU A 158 -18.51 0.05 -0.47
CA LEU A 158 -17.34 -0.05 -1.30
C LEU A 158 -16.09 0.15 -0.51
N ALA A 159 -16.08 1.12 0.40
CA ALA A 159 -14.91 1.37 1.24
C ALA A 159 -14.59 0.12 1.99
N ARG A 160 -15.62 -0.62 2.37
CA ARG A 160 -15.45 -1.81 3.21
C ARG A 160 -14.84 -2.94 2.42
N SER A 161 -15.40 -3.24 1.25
CA SER A 161 -14.77 -4.24 0.40
C SER A 161 -13.30 -3.91 0.19
N PHE A 162 -13.05 -2.68 -0.18
CA PHE A 162 -11.71 -2.23 -0.41
C PHE A 162 -10.81 -2.30 0.80
N PHE A 163 -11.30 -1.75 1.89
CA PHE A 163 -10.52 -1.70 3.08
C PHE A 163 -10.22 -3.08 3.58
N TRP A 164 -11.21 -3.97 3.52
CA TRP A 164 -10.97 -5.35 3.91
C TRP A 164 -9.84 -5.96 3.06
N GLN A 165 -9.87 -5.71 1.76
CA GLN A 165 -8.86 -6.23 0.88
C GLN A 165 -7.50 -5.68 1.24
N VAL A 166 -7.43 -4.42 1.53
CA VAL A 166 -6.14 -3.88 2.02
C VAL A 166 -5.71 -4.66 3.29
N LEU A 167 -6.65 -4.80 4.20
CA LEU A 167 -6.31 -5.44 5.45
C LEU A 167 -5.74 -6.81 5.17
N GLU A 168 -6.42 -7.58 4.33
CA GLU A 168 -5.93 -8.92 3.99
C GLU A 168 -4.52 -8.95 3.35
N ALA A 169 -4.20 -7.89 2.59
CA ALA A 169 -2.92 -7.76 1.87
C ALA A 169 -1.76 -7.51 2.84
N VAL A 170 -2.02 -6.56 3.76
CA VAL A 170 -1.10 -6.22 4.84
C VAL A 170 -0.88 -7.40 5.74
N ARG A 171 -1.93 -8.13 6.09
CA ARG A 171 -1.71 -9.30 6.96
C ARG A 171 -0.73 -10.18 6.25
N HIS A 172 -0.93 -10.34 4.95
CA HIS A 172 -0.04 -11.21 4.19
C HIS A 172 1.42 -10.78 4.29
N CYS A 173 1.64 -9.49 4.12
CA CYS A 173 2.98 -8.95 4.23
C CYS A 173 3.57 -9.30 5.60
N HIS A 174 2.82 -9.01 6.67
CA HIS A 174 3.29 -9.36 8.02
C HIS A 174 3.45 -10.87 8.20
N ASN A 175 2.59 -11.65 7.62
CA ASN A 175 2.89 -13.07 7.61
C ASN A 175 4.16 -13.41 6.96
N CYS A 176 4.59 -12.67 5.93
CA CYS A 176 5.88 -12.99 5.28
C CYS A 176 7.07 -12.23 5.88
N GLY A 177 6.90 -11.65 7.05
CA GLY A 177 8.00 -10.91 7.67
C GLY A 177 8.31 -9.52 7.15
N VAL A 178 7.46 -9.02 6.23
CA VAL A 178 7.61 -7.71 5.59
C VAL A 178 6.61 -6.73 6.13
N LEU A 179 7.05 -5.50 6.30
CA LEU A 179 6.27 -4.36 6.77
C LEU A 179 6.33 -3.26 5.70
N HIS A 180 5.20 -2.78 5.21
CA HIS A 180 5.23 -1.93 4.04
C HIS A 180 5.70 -0.47 4.26
N ARG A 181 5.18 0.15 5.30
CA ARG A 181 5.51 1.51 5.72
C ARG A 181 5.12 2.66 4.83
N ASP A 182 4.19 2.43 3.92
CA ASP A 182 3.72 3.52 3.04
C ASP A 182 2.36 3.17 2.43
N ILE A 183 1.48 2.66 3.30
CA ILE A 183 0.12 2.31 2.93
C ILE A 183 -0.53 3.65 2.62
N LYS A 184 -1.06 3.82 1.43
CA LYS A 184 -1.84 5.05 1.16
C LYS A 184 -2.49 4.89 -0.21
N ASP A 185 -3.53 5.67 -0.50
CA ASP A 185 -4.32 5.45 -1.72
C ASP A 185 -3.51 5.28 -3.01
N GLU A 186 -2.42 6.03 -3.17
CA GLU A 186 -1.56 5.94 -4.37
C GLU A 186 -0.91 4.59 -4.54
N ASN A 187 -0.60 3.91 -3.45
CA ASN A 187 0.09 2.63 -3.47
C ASN A 187 -0.86 1.42 -3.43
N ILE A 188 -2.11 1.63 -3.78
CA ILE A 188 -3.03 0.54 -3.92
C ILE A 188 -3.58 0.62 -5.33
N LEU A 189 -3.49 -0.47 -6.08
CA LEU A 189 -4.03 -0.51 -7.44
C LEU A 189 -5.34 -1.23 -7.39
N ILE A 190 -6.29 -0.78 -8.20
CA ILE A 190 -7.53 -1.50 -8.46
C ILE A 190 -7.57 -2.20 -9.84
N ASP A 191 -7.66 -3.53 -9.84
CA ASP A 191 -7.87 -4.36 -11.05
C ASP A 191 -9.35 -4.24 -11.29
N LEU A 192 -9.69 -3.36 -12.22
CA LEU A 192 -11.11 -2.97 -12.41
C LEU A 192 -12.03 -4.11 -12.91
N ASN A 193 -11.48 -5.12 -13.58
CA ASN A 193 -12.33 -6.23 -14.06
C ASN A 193 -12.71 -7.11 -12.88
N ARG A 194 -11.75 -7.43 -12.05
CA ARG A 194 -11.95 -8.44 -11.07
C ARG A 194 -12.39 -7.85 -9.71
N GLY A 195 -12.43 -6.53 -9.62
CA GLY A 195 -12.69 -5.81 -8.36
C GLY A 195 -11.68 -6.18 -7.30
N GLU A 196 -10.44 -6.44 -7.71
CA GLU A 196 -9.34 -6.73 -6.78
C GLU A 196 -8.30 -5.62 -6.62
N LEU A 197 -7.97 -5.38 -5.35
CA LEU A 197 -6.92 -4.43 -4.92
C LEU A 197 -5.58 -5.12 -4.74
N LYS A 198 -4.54 -4.50 -5.27
CA LYS A 198 -3.14 -4.97 -5.16
C LYS A 198 -2.31 -3.90 -4.48
N LEU A 199 -1.49 -4.25 -3.53
CA LEU A 199 -0.61 -3.26 -2.87
C LEU A 199 0.66 -3.10 -3.68
N ILE A 200 1.25 -1.91 -3.77
CA ILE A 200 2.51 -1.70 -4.55
C ILE A 200 3.49 -0.81 -3.84
N ASP A 201 4.74 -0.82 -4.31
CA ASP A 201 5.80 0.09 -3.83
C ASP A 201 6.22 -0.21 -2.43
N PHE A 202 7.12 -1.16 -2.31
CA PHE A 202 7.78 -1.53 -1.09
C PHE A 202 9.09 -0.76 -0.88
N GLY A 203 9.27 0.32 -1.63
CA GLY A 203 10.53 1.10 -1.58
C GLY A 203 10.86 1.69 -0.22
N SER A 204 9.85 1.78 0.65
CA SER A 204 10.00 2.34 1.99
C SER A 204 9.90 1.31 3.11
N GLY A 205 9.63 0.06 2.74
CA GLY A 205 9.33 -0.96 3.73
C GLY A 205 10.54 -1.44 4.49
N ALA A 206 10.39 -2.56 5.18
CA ALA A 206 11.44 -3.07 6.05
C ALA A 206 11.08 -4.44 6.50
N LEU A 207 12.08 -5.27 6.79
CA LEU A 207 11.79 -6.52 7.45
C LEU A 207 11.00 -6.17 8.71
N LEU A 208 9.95 -6.93 8.97
CA LEU A 208 9.15 -6.72 10.15
C LEU A 208 9.93 -7.14 11.40
N LYS A 209 9.88 -6.33 12.45
CA LYS A 209 10.43 -6.74 13.77
C LYS A 209 9.61 -6.22 14.95
N ASP A 210 9.87 -6.82 16.10
CA ASP A 210 9.07 -6.56 17.31
C ASP A 210 9.70 -5.47 18.15
N THR A 211 10.87 -5.03 17.77
CA THR A 211 11.52 -3.95 18.48
C THR A 211 11.22 -2.62 17.79
N VAL A 212 11.72 -1.52 18.32
CA VAL A 212 11.33 -0.20 17.85
C VAL A 212 12.04 0.19 16.55
N TYR A 213 11.38 1.03 15.76
CA TYR A 213 11.91 1.54 14.50
C TYR A 213 12.28 2.99 14.73
N THR A 214 13.47 3.40 14.32
CA THR A 214 13.87 4.81 14.45
C THR A 214 14.04 5.47 13.11
N ASP A 215 13.91 4.72 12.01
CA ASP A 215 13.95 5.31 10.65
C ASP A 215 12.53 5.41 10.05
N PHE A 216 12.27 6.46 9.28
CA PHE A 216 11.07 6.49 8.46
C PHE A 216 11.32 7.29 7.23
N ASP A 217 10.90 6.76 6.10
CA ASP A 217 10.98 7.50 4.83
C ASP A 217 9.75 7.21 3.99
N GLY A 218 8.64 7.10 4.68
CA GLY A 218 7.34 6.91 4.06
C GLY A 218 6.73 8.25 3.77
N THR A 219 5.43 8.38 4.01
CA THR A 219 4.70 9.59 3.67
C THR A 219 4.28 10.23 4.97
N ARG A 220 4.67 11.49 5.17
CA ARG A 220 4.56 12.08 6.50
C ARG A 220 3.13 12.05 7.05
N VAL A 221 2.24 12.67 6.30
CA VAL A 221 0.81 12.82 6.67
C VAL A 221 0.12 11.49 7.07
N TYR A 222 0.72 10.37 6.69
CA TYR A 222 0.28 9.04 7.07
C TYR A 222 1.00 8.43 8.27
N SER A 223 1.94 9.19 8.84
CA SER A 223 2.77 8.64 9.88
C SER A 223 2.10 8.92 11.22
N PRO A 224 2.41 8.12 12.22
CA PRO A 224 1.70 8.28 13.44
C PRO A 224 2.33 9.35 14.28
N PRO A 225 1.58 9.83 15.27
CA PRO A 225 2.05 10.84 16.19
C PRO A 225 3.38 10.48 16.82
N GLU A 226 3.58 9.20 17.14
CA GLU A 226 4.76 8.84 17.91
C GLU A 226 6.03 8.97 17.10
N TRP A 227 5.89 9.00 15.78
CA TRP A 227 7.01 9.30 14.89
C TRP A 227 7.34 10.78 14.90
N ILE A 228 6.30 11.58 14.70
CA ILE A 228 6.41 13.03 14.74
C ILE A 228 7.08 13.53 16.02
N ARG A 229 6.69 13.00 17.17
CA ARG A 229 7.25 13.49 18.43
C ARG A 229 8.60 12.85 18.71
N TYR A 230 8.62 11.54 18.83
CA TYR A 230 9.76 10.90 19.36
C TYR A 230 10.75 10.32 18.37
N HIS A 231 10.40 10.27 17.08
CA HIS A 231 11.20 9.55 16.09
C HIS A 231 11.39 8.07 16.42
N ARG A 232 10.37 7.46 17.01
CA ARG A 232 10.34 6.01 17.30
C ARG A 232 8.92 5.45 17.14
N TYR A 233 8.83 4.25 16.59
CA TYR A 233 7.52 3.60 16.41
C TYR A 233 7.69 2.08 16.37
N HIS A 234 6.58 1.36 16.46
CA HIS A 234 6.61 -0.08 16.31
C HIS A 234 5.77 -0.39 15.10
N GLY A 235 6.13 -1.42 14.38
CA GLY A 235 5.54 -1.73 13.08
C GLY A 235 4.05 -1.88 12.99
N ARG A 236 3.48 -2.77 13.78
CA ARG A 236 2.04 -3.12 13.63
C ARG A 236 1.20 -1.91 14.01
N SER A 237 1.62 -1.20 15.06
CA SER A 237 0.83 -0.06 15.51
C SER A 237 0.98 1.12 14.56
N ALA A 238 2.12 1.29 13.93
CA ALA A 238 2.25 2.35 12.92
C ALA A 238 1.35 2.01 11.73
N ALA A 239 1.33 0.74 11.33
CA ALA A 239 0.48 0.31 10.21
C ALA A 239 -0.99 0.62 10.43
N VAL A 240 -1.44 0.27 11.61
CA VAL A 240 -2.84 0.46 11.92
C VAL A 240 -3.21 1.93 11.82
N TRP A 241 -2.31 2.81 12.28
CA TRP A 241 -2.56 4.24 12.18
C TRP A 241 -2.71 4.61 10.71
N SER A 242 -1.78 4.21 9.85
CA SER A 242 -1.92 4.62 8.45
C SER A 242 -3.18 4.05 7.83
N LEU A 243 -3.64 2.91 8.35
CA LEU A 243 -4.85 2.33 7.83
C LEU A 243 -5.99 3.21 8.29
N GLY A 244 -5.93 3.67 9.51
CA GLY A 244 -6.88 4.67 9.91
C GLY A 244 -6.91 5.92 9.02
N ILE A 245 -5.75 6.40 8.58
CA ILE A 245 -5.78 7.55 7.67
C ILE A 245 -6.44 7.06 6.34
N LEU A 246 -5.96 5.89 5.88
CA LEU A 246 -6.54 5.31 4.66
C LEU A 246 -8.09 5.24 4.71
N LEU A 247 -8.68 4.64 5.74
CA LEU A 247 -10.15 4.55 5.77
C LEU A 247 -10.81 5.94 5.76
N TYR A 248 -10.32 6.86 6.58
CA TYR A 248 -10.83 8.21 6.58
C TYR A 248 -10.81 8.76 5.15
N ASP A 249 -9.70 8.58 4.47
CA ASP A 249 -9.53 9.11 3.09
C ASP A 249 -10.63 8.55 2.20
N MET A 250 -10.79 7.24 2.23
CA MET A 250 -11.87 6.60 1.50
C MET A 250 -13.26 7.12 1.79
N VAL A 251 -13.62 7.20 3.06
CA VAL A 251 -15.00 7.59 3.37
C VAL A 251 -15.29 9.11 3.33
N CYS A 252 -14.23 9.91 3.33
CA CYS A 252 -14.38 11.37 3.37
C CYS A 252 -13.91 12.07 2.13
N GLY A 253 -13.21 11.36 1.24
CA GLY A 253 -12.68 11.96 0.01
C GLY A 253 -11.33 12.65 0.19
N ASP A 254 -10.78 12.54 1.41
CA ASP A 254 -9.51 13.20 1.79
C ASP A 254 -8.92 12.73 3.10
N ILE A 255 -7.65 13.10 3.32
CA ILE A 255 -6.94 12.70 4.50
C ILE A 255 -7.27 13.66 5.64
N PRO A 256 -7.33 13.17 6.87
CA PRO A 256 -7.82 14.01 7.95
C PRO A 256 -6.80 15.03 8.50
N PHE A 257 -5.50 14.80 8.30
CA PHE A 257 -4.48 15.68 8.86
C PHE A 257 -3.54 16.11 7.78
N GLU A 258 -3.20 17.40 7.78
CA GLU A 258 -2.26 17.95 6.81
C GLU A 258 -1.04 18.51 7.51
N HIS A 259 -1.03 18.53 8.83
CA HIS A 259 0.06 19.14 9.59
C HIS A 259 0.45 18.38 10.85
N ASP A 260 1.73 18.38 11.17
CA ASP A 260 2.23 17.76 12.39
C ASP A 260 1.32 18.05 13.59
N GLU A 261 0.84 19.28 13.64
CA GLU A 261 0.08 19.75 14.79
C GLU A 261 -1.19 18.93 14.96
N GLU A 262 -1.83 18.61 13.85
CA GLU A 262 -3.11 17.89 13.83
C GLU A 262 -2.88 16.43 14.11
N ILE A 263 -1.78 15.88 13.60
CA ILE A 263 -1.38 14.49 13.89
C ILE A 263 -1.20 14.26 15.40
N ILE A 264 -0.32 15.05 16.00
CA ILE A 264 -0.08 15.09 17.47
C ILE A 264 -1.34 15.30 18.30
N ARG A 265 -2.25 16.11 17.80
CA ARG A 265 -3.49 16.40 18.53
C ARG A 265 -4.48 15.23 18.43
N GLY A 266 -4.55 14.66 17.24
CA GLY A 266 -5.36 13.54 16.94
C GLY A 266 -6.84 13.69 17.13
N GLN A 267 -7.43 14.87 16.99
CA GLN A 267 -8.91 14.93 17.00
C GLN A 267 -9.35 14.73 15.58
N VAL A 268 -10.35 13.85 15.35
CA VAL A 268 -10.80 13.57 13.96
C VAL A 268 -12.12 14.28 13.69
N PHE A 269 -12.21 15.00 12.59
CA PHE A 269 -13.43 15.69 12.26
C PHE A 269 -13.89 15.07 10.99
N PHE A 270 -15.19 14.76 10.92
CA PHE A 270 -15.76 14.18 9.71
C PHE A 270 -16.47 15.24 8.90
N ARG A 271 -16.02 15.43 7.68
CA ARG A 271 -16.58 16.49 6.84
C ARG A 271 -17.76 15.97 5.99
N GLN A 272 -18.03 14.66 6.07
CA GLN A 272 -19.11 14.01 5.32
C GLN A 272 -19.90 13.06 6.21
N ARG A 273 -21.12 12.70 5.76
CA ARG A 273 -21.91 11.74 6.50
C ARG A 273 -21.12 10.50 6.52
N VAL A 274 -20.82 10.01 7.72
CA VAL A 274 -20.26 8.70 7.91
C VAL A 274 -20.90 8.03 9.12
N SER A 275 -21.31 6.79 8.94
CA SER A 275 -22.01 6.06 9.94
C SER A 275 -21.09 6.00 11.16
N SER A 276 -21.68 5.70 12.32
CA SER A 276 -21.04 5.87 13.59
C SER A 276 -20.10 4.72 13.84
N GLU A 277 -20.43 3.58 13.27
CA GLU A 277 -19.54 2.44 13.41
C GLU A 277 -18.31 2.72 12.61
N CYS A 278 -18.49 3.32 11.44
CA CYS A 278 -17.34 3.64 10.66
C CYS A 278 -16.47 4.64 11.41
N GLN A 279 -17.11 5.69 11.91
CA GLN A 279 -16.39 6.72 12.64
C GLN A 279 -15.64 6.06 13.79
N HIS A 280 -16.24 5.05 14.40
CA HIS A 280 -15.64 4.45 15.58
C HIS A 280 -14.39 3.68 15.22
N LEU A 281 -14.52 2.82 14.20
CA LEU A 281 -13.38 2.11 13.70
C LEU A 281 -12.20 3.05 13.40
N ILE A 282 -12.46 4.19 12.76
CA ILE A 282 -11.40 5.07 12.34
C ILE A 282 -10.73 5.71 13.55
N ARG A 283 -11.55 6.11 14.53
CA ARG A 283 -11.04 6.78 15.74
C ARG A 283 -10.22 5.82 16.55
N TRP A 284 -10.63 4.55 16.53
CA TRP A 284 -9.87 3.51 17.18
C TRP A 284 -8.45 3.33 16.58
N CYS A 285 -8.39 3.17 15.26
CA CYS A 285 -7.10 3.10 14.55
C CYS A 285 -6.26 4.30 14.76
N LEU A 286 -6.90 5.43 15.03
CA LEU A 286 -6.20 6.68 15.31
C LEU A 286 -6.08 7.08 16.81
N ALA A 287 -6.26 6.13 17.74
CA ALA A 287 -5.87 6.31 19.14
C ALA A 287 -4.42 6.82 19.21
N LEU A 288 -4.20 7.89 19.96
CA LEU A 288 -2.85 8.46 20.09
C LEU A 288 -1.85 7.48 20.70
N ARG A 289 -2.29 6.73 21.68
CA ARG A 289 -1.40 5.84 22.34
C ARG A 289 -1.41 4.58 21.49
N PRO A 290 -0.25 4.17 20.97
CA PRO A 290 -0.21 3.03 20.06
C PRO A 290 -0.89 1.77 20.56
N SER A 291 -0.58 1.40 21.79
CA SER A 291 -1.10 0.17 22.34
C SER A 291 -2.62 0.23 22.48
N ASP A 292 -3.23 1.40 22.37
CA ASP A 292 -4.68 1.47 22.36
C ASP A 292 -5.28 1.11 20.99
N ARG A 293 -4.45 1.05 19.97
CA ARG A 293 -4.98 0.76 18.65
C ARG A 293 -5.36 -0.72 18.60
N PRO A 294 -6.31 -1.05 17.71
CA PRO A 294 -6.76 -2.40 17.51
C PRO A 294 -5.74 -3.26 16.77
N THR A 295 -5.84 -4.57 16.97
CA THR A 295 -4.96 -5.49 16.28
C THR A 295 -5.69 -5.67 14.94
N PHE A 296 -5.16 -6.42 13.99
CA PHE A 296 -5.94 -6.67 12.77
C PHE A 296 -7.13 -7.52 13.07
N GLU A 297 -6.94 -8.51 13.93
CA GLU A 297 -8.06 -9.32 14.32
C GLU A 297 -9.20 -8.45 14.81
N GLU A 298 -8.90 -7.43 15.61
CA GLU A 298 -9.98 -6.60 16.16
C GLU A 298 -10.62 -5.71 15.12
N ILE A 299 -9.81 -5.27 14.17
CA ILE A 299 -10.29 -4.46 13.05
C ILE A 299 -11.27 -5.28 12.26
N GLN A 300 -10.92 -6.53 11.98
CA GLN A 300 -11.77 -7.38 11.13
C GLN A 300 -12.96 -8.03 11.82
N ASN A 301 -12.91 -8.09 13.14
CA ASN A 301 -14.04 -8.51 13.94
C ASN A 301 -14.85 -7.30 14.32
N HIS A 302 -14.47 -6.12 13.88
CA HIS A 302 -15.27 -4.96 14.20
C HIS A 302 -16.62 -4.97 13.45
N PRO A 303 -17.71 -4.57 14.11
CA PRO A 303 -19.00 -4.52 13.49
C PRO A 303 -19.06 -3.98 12.07
N TRP A 304 -18.53 -2.78 11.84
CA TRP A 304 -18.50 -2.16 10.53
C TRP A 304 -17.89 -3.05 9.42
N MET A 305 -16.98 -3.94 9.78
CA MET A 305 -16.35 -4.89 8.84
C MET A 305 -17.09 -6.20 8.61
N GLN A 306 -18.35 -6.27 9.00
CA GLN A 306 -19.14 -7.49 8.76
C GLN A 306 -19.84 -7.44 7.41
N ASP A 307 -19.91 -8.61 6.78
CA ASP A 307 -20.68 -8.83 5.56
C ASP A 307 -20.08 -8.17 4.35
N VAL A 308 -18.78 -8.35 4.19
CA VAL A 308 -18.04 -7.69 3.12
C VAL A 308 -18.46 -8.31 1.82
N LEU A 309 -18.50 -7.52 0.75
CA LEU A 309 -18.81 -8.02 -0.58
C LEU A 309 -17.61 -8.75 -1.02
N LEU A 310 -17.79 -9.85 -1.72
CA LEU A 310 -16.66 -10.42 -2.47
C LEU A 310 -16.09 -9.41 -3.53
N PRO A 311 -14.81 -9.60 -3.93
CA PRO A 311 -14.25 -8.65 -4.89
C PRO A 311 -15.04 -8.61 -6.20
N GLN A 312 -15.44 -9.78 -6.69
CA GLN A 312 -16.16 -9.85 -7.97
C GLN A 312 -17.55 -9.19 -7.92
N GLU A 313 -18.34 -9.46 -6.89
CA GLU A 313 -19.61 -8.74 -6.75
C GLU A 313 -19.41 -7.23 -6.50
N THR A 314 -18.28 -6.85 -5.91
CA THR A 314 -17.92 -5.43 -5.83
C THR A 314 -17.79 -4.81 -7.24
N ALA A 315 -17.16 -5.55 -8.16
CA ALA A 315 -16.89 -4.99 -9.49
C ALA A 315 -18.18 -4.78 -10.25
N GLU A 316 -19.06 -5.77 -10.21
CA GLU A 316 -20.37 -5.72 -10.87
C GLU A 316 -21.17 -4.52 -10.36
N ILE A 317 -21.33 -4.42 -9.05
CA ILE A 317 -22.12 -3.37 -8.43
C ILE A 317 -21.46 -2.00 -8.56
N HIS A 318 -20.15 -1.91 -8.41
CA HIS A 318 -19.51 -0.61 -8.20
C HIS A 318 -18.51 -0.19 -9.23
N LEU A 319 -17.87 -1.12 -9.92
CA LEU A 319 -17.01 -0.74 -11.02
C LEU A 319 -17.75 -0.83 -12.38
N HIS A 320 -19.10 -0.90 -12.30
CA HIS A 320 -20.10 -1.00 -13.42
C HIS A 320 -19.92 -2.22 -14.29
N SER A 321 -19.05 -3.12 -13.84
CA SER A 321 -18.48 -4.23 -14.65
C SER A 321 -18.67 -5.57 -13.96
N1 IMD B . -7.37 11.13 -2.32
C2 IMD B . -7.64 12.30 -1.67
N3 IMD B . -8.15 13.18 -2.54
C4 IMD B . -8.20 12.59 -3.75
C5 IMD B . -7.72 11.31 -3.61
C13 R9P C . 0.34 8.55 -9.51
C14 R9P C . -1.02 8.28 -10.14
N3 R9P C . -2.14 8.91 -9.38
C15 R9P C . -1.89 10.35 -9.08
C16 R9P C . -0.53 10.57 -8.39
C12 R9P C . 0.10 9.19 -8.16
C11 R9P C . 1.31 9.27 -7.23
N2 R9P C . 2.51 8.57 -7.72
C10 R9P C . 2.79 7.25 -7.79
C17 R9P C . 3.16 6.80 -9.04
C18 R9P C . 3.53 5.50 -9.31
CL1 R9P C . 3.95 5.11 -10.90
C9 R9P C . 2.87 6.35 -6.74
C8 R9P C . 3.25 5.02 -7.03
C7 R9P C . 3.60 4.58 -8.31
C6 R9P C . 3.96 3.25 -8.49
N4 R9P C . 3.31 2.48 -9.37
C19 R9P C . 3.65 1.20 -9.45
C20 R9P C . 3.18 0.17 -10.20
C21 R9P C . 2.21 0.12 -11.12
C22 R9P C . 1.92 -1.08 -11.77
BR1 R9P C . 0.50 -1.00 -13.10
C1 R9P C . 2.60 -2.26 -11.49
C2 R9P C . 3.59 -2.18 -10.55
C3 R9P C . 3.87 -0.99 -9.91
O1 R9P C . 4.76 -0.69 -8.98
C4 R9P C . 4.64 0.62 -8.67
C5 R9P C . 5.33 1.36 -7.78
O2 R9P C . 6.20 0.79 -7.14
N1 R9P C . 4.99 2.71 -7.69
#